data_1HAK
#
_entry.id   1HAK
#
_cell.length_a   99.300
_cell.length_b   99.300
_cell.length_c   130.500
_cell.angle_alpha   90.00
_cell.angle_beta   90.00
_cell.angle_gamma   120.00
#
_symmetry.space_group_name_H-M   'P 63'
#
loop_
_entity.id
_entity.type
_entity.pdbx_description
1 polymer 'ANNEXIN V'
2 non-polymer 4-[3-{1-(4-BENZYL)PIPERODINYL}PROPIONYL]-7-METHOXY-2,3,4,5-TERTRAHYDRO-1,4-BENZOTHIAZEPINE
3 water water
#
_entity_poly.entity_id   1
_entity_poly.type   'polypeptide(L)'
_entity_poly.pdbx_seq_one_letter_code
;MAQVLRGTVTDFPGFDERADAETLRKAMKGLGTDEESILTLLTSRSNAQRQEISAAFKTLFGRDLLDDLKSELTGKFEKL
IVALMKPSRLYDAYELKHALKGAGTNEKVLTEIIASRTPEELRAIKQVYEEEYGSSLEDDVVGDTSGYYQRMLVVLLQAN
RDPDAGIDEAQVEQDAQALFQAGELKWGTDEEKFITIFGTRSVSHLRKVFDKYMTISGFQIEETIDRETSGNLEQLLLAV
VKSIRSIPAYLAETLYYAMKGAGTDDHTLIRVMVSRSEIDLFNIRKEFRKNFATSLYSMIKGDTSGDYKKALLLLCGEDD
;
_entity_poly.pdbx_strand_id   B,A
#
# COMPACT_ATOMS: atom_id res chain seq x y z
N GLN A 3 0.12 -3.67 -9.14
CA GLN A 3 0.85 -2.44 -8.70
C GLN A 3 1.69 -2.50 -7.39
N VAL A 4 3.00 -2.25 -7.58
CA VAL A 4 4.02 -2.26 -6.51
C VAL A 4 4.99 -1.08 -6.61
N LEU A 5 4.88 -0.21 -5.60
CA LEU A 5 5.75 0.97 -5.53
C LEU A 5 7.20 0.64 -5.26
N ARG A 6 8.08 1.37 -5.92
CA ARG A 6 9.53 1.10 -5.84
C ARG A 6 10.47 2.09 -6.56
N GLY A 7 11.68 2.19 -6.01
CA GLY A 7 12.66 3.12 -6.58
C GLY A 7 13.80 2.59 -7.48
N THR A 8 14.83 3.43 -7.54
CA THR A 8 16.03 3.09 -8.35
C THR A 8 17.34 2.85 -7.60
N VAL A 9 17.35 3.31 -6.34
CA VAL A 9 18.46 2.99 -5.42
C VAL A 9 18.17 1.87 -4.38
N THR A 10 18.97 0.81 -4.55
CA THR A 10 18.97 -0.38 -3.66
C THR A 10 20.28 -0.48 -2.89
N ASP A 11 20.24 -1.11 -1.68
CA ASP A 11 21.41 -1.41 -0.79
C ASP A 11 22.61 -2.03 -1.52
N PHE A 12 23.80 -1.46 -1.26
CA PHE A 12 24.97 -2.08 -1.90
C PHE A 12 25.41 -3.32 -1.13
N PRO A 13 25.43 -4.48 -1.82
CA PRO A 13 25.88 -5.72 -1.18
C PRO A 13 27.40 -5.83 -1.18
N GLY A 14 27.90 -6.40 -0.10
CA GLY A 14 29.32 -6.16 0.10
C GLY A 14 29.74 -4.80 0.72
N PHE A 15 28.74 -3.94 0.98
CA PHE A 15 29.09 -2.65 1.61
C PHE A 15 29.88 -2.70 2.93
N ASP A 16 30.91 -1.83 2.91
CA ASP A 16 31.74 -1.62 4.10
C ASP A 16 31.99 -0.15 4.45
N GLU A 17 31.17 0.36 5.37
CA GLU A 17 31.40 1.69 5.94
C GLU A 17 32.82 2.26 5.90
N ARG A 18 33.71 1.46 6.51
CA ARG A 18 35.10 1.88 6.63
C ARG A 18 35.91 1.98 5.36
N ALA A 19 35.60 1.03 4.46
CA ALA A 19 36.15 1.18 3.10
C ALA A 19 35.64 2.38 2.28
N ASP A 20 34.33 2.57 2.28
CA ASP A 20 33.89 3.76 1.56
C ASP A 20 34.36 5.10 2.12
N ALA A 21 34.52 5.09 3.45
CA ALA A 21 35.16 6.24 4.11
C ALA A 21 36.54 6.59 3.64
N GLU A 22 37.30 5.52 3.35
CA GLU A 22 38.57 5.76 2.65
C GLU A 22 38.57 6.23 1.18
N THR A 23 37.82 5.57 0.29
CA THR A 23 37.72 6.13 -1.08
C THR A 23 37.36 7.58 -1.11
N LEU A 24 36.41 7.91 -0.26
CA LEU A 24 36.04 9.32 -0.16
C LEU A 24 37.11 10.26 0.42
N ARG A 25 37.68 9.89 1.57
CA ARG A 25 38.78 10.74 2.04
C ARG A 25 39.91 10.98 1.06
N LYS A 26 40.37 9.84 0.52
CA LYS A 26 41.45 9.76 -0.51
C LYS A 26 41.21 10.51 -1.81
N ALA A 27 39.93 10.48 -2.22
CA ALA A 27 39.39 11.27 -3.34
C ALA A 27 39.52 12.78 -3.24
N MET A 28 39.16 13.26 -2.05
CA MET A 28 39.35 14.67 -1.67
C MET A 28 40.54 14.95 -0.74
N LYS A 29 41.60 14.19 -1.01
CA LYS A 29 42.80 14.32 -0.16
C LYS A 29 43.89 15.20 -0.76
N GLY A 30 43.79 16.47 -0.41
CA GLY A 30 44.88 17.41 -0.74
C GLY A 30 44.91 18.00 -2.16
N LEU A 31 44.81 17.07 -3.11
CA LEU A 31 44.58 17.52 -4.49
C LEU A 31 43.31 18.40 -4.59
N GLY A 32 43.02 18.99 -5.80
CA GLY A 32 41.61 19.40 -6.00
C GLY A 32 40.50 18.38 -5.62
N THR A 33 40.01 17.64 -6.63
CA THR A 33 38.92 16.72 -6.28
C THR A 33 38.58 15.63 -7.28
N ASP A 34 38.65 14.37 -6.84
CA ASP A 34 37.96 13.35 -7.68
C ASP A 34 36.43 13.29 -7.58
N GLU A 35 35.80 14.28 -8.24
CA GLU A 35 34.33 14.25 -8.27
C GLU A 35 33.71 12.97 -8.80
N GLU A 36 34.24 12.50 -9.95
CA GLU A 36 33.92 11.16 -10.46
C GLU A 36 33.88 9.95 -9.48
N SER A 37 34.64 10.06 -8.36
CA SER A 37 34.58 9.02 -7.30
C SER A 37 33.55 9.22 -6.22
N ILE A 38 33.52 10.48 -5.73
CA ILE A 38 32.43 10.89 -4.82
C ILE A 38 31.07 10.48 -5.37
N LEU A 39 30.90 11.00 -6.56
CA LEU A 39 29.79 10.64 -7.45
C LEU A 39 29.28 9.17 -7.56
N THR A 40 30.12 8.35 -8.19
CA THR A 40 29.69 6.97 -8.43
C THR A 40 29.43 6.21 -7.17
N LEU A 41 30.22 6.54 -6.15
CA LEU A 41 29.96 5.88 -4.87
C LEU A 41 28.69 6.29 -4.18
N LEU A 42 28.57 7.59 -3.93
CA LEU A 42 27.35 7.99 -3.20
C LEU A 42 26.03 7.67 -3.88
N THR A 43 26.10 7.64 -5.21
CA THR A 43 24.89 7.20 -5.92
C THR A 43 24.70 5.71 -6.10
N SER A 44 25.79 4.98 -5.90
CA SER A 44 25.50 3.54 -5.86
C SER A 44 25.39 2.87 -4.50
N ARG A 45 25.47 3.70 -3.43
CA ARG A 45 24.96 3.34 -2.08
C ARG A 45 23.51 3.76 -1.77
N SER A 46 22.89 3.10 -0.80
CA SER A 46 21.63 3.72 -0.32
C SER A 46 21.79 4.76 0.79
N ASN A 47 20.75 5.59 1.01
CA ASN A 47 20.84 6.57 2.13
C ASN A 47 21.24 6.11 3.57
N ALA A 48 20.70 4.99 4.03
CA ALA A 48 21.26 4.46 5.29
C ALA A 48 22.74 4.04 5.26
N GLN A 49 23.15 3.56 4.06
CA GLN A 49 24.59 3.36 3.91
C GLN A 49 25.46 4.63 3.84
N ARG A 50 25.01 5.64 3.08
CA ARG A 50 25.63 6.98 3.22
C ARG A 50 25.87 7.44 4.66
N GLN A 51 24.77 7.44 5.42
CA GLN A 51 24.94 7.63 6.87
C GLN A 51 26.02 6.81 7.59
N GLU A 52 26.07 5.51 7.33
CA GLU A 52 27.18 4.83 8.00
C GLU A 52 28.59 5.09 7.49
N ILE A 53 28.69 5.47 6.21
CA ILE A 53 29.98 6.09 5.82
C ILE A 53 30.31 7.36 6.59
N SER A 54 29.24 8.12 6.83
CA SER A 54 29.39 9.39 7.56
C SER A 54 29.96 9.22 8.96
N ALA A 55 29.53 8.08 9.54
CA ALA A 55 30.05 7.52 10.80
C ALA A 55 31.46 6.98 10.77
N ALA A 56 31.71 6.13 9.78
CA ALA A 56 33.08 5.66 9.58
C ALA A 56 34.14 6.77 9.36
N PHE A 57 33.76 7.75 8.54
CA PHE A 57 34.61 8.92 8.33
C PHE A 57 35.16 9.58 9.61
N LYS A 58 34.20 9.95 10.47
CA LYS A 58 34.54 10.53 11.78
C LYS A 58 35.36 9.68 12.74
N THR A 59 34.85 8.46 12.94
CA THR A 59 35.58 7.56 13.85
C THR A 59 37.02 7.32 13.47
N LEU A 60 37.22 7.24 12.13
CA LEU A 60 38.56 7.17 11.51
C LEU A 60 39.45 8.42 11.48
N PHE A 61 38.78 9.53 11.23
CA PHE A 61 39.55 10.70 10.80
C PHE A 61 39.46 11.91 11.67
N GLY A 62 38.49 11.88 12.57
CA GLY A 62 38.18 13.18 13.19
C GLY A 62 37.56 14.25 12.28
N ARG A 63 37.22 13.81 11.05
CA ARG A 63 36.64 14.79 10.12
C ARG A 63 35.13 14.65 9.86
N ASP A 64 34.43 15.79 9.71
CA ASP A 64 33.01 15.67 9.31
C ASP A 64 32.75 15.54 7.81
N LEU A 65 32.34 14.35 7.38
CA LEU A 65 32.08 14.13 5.95
C LEU A 65 31.31 15.26 5.31
N LEU A 66 30.24 15.62 6.00
CA LEU A 66 29.47 16.71 5.42
C LEU A 66 30.18 18.07 5.20
N ASP A 67 31.02 18.52 6.15
CA ASP A 67 31.76 19.74 5.81
C ASP A 67 32.92 19.58 4.77
N ASP A 68 33.51 18.38 4.79
CA ASP A 68 34.53 18.09 3.76
C ASP A 68 33.96 18.15 2.32
N LEU A 69 32.90 17.34 2.10
CA LEU A 69 32.20 17.49 0.83
C LEU A 69 31.86 18.95 0.47
N LYS A 70 31.23 19.61 1.42
CA LYS A 70 30.90 21.03 1.27
C LYS A 70 32.02 22.06 1.16
N SER A 71 33.28 21.60 1.26
CA SER A 71 34.35 22.56 0.87
C SER A 71 35.05 22.37 -0.47
N GLU A 72 35.13 21.10 -0.92
CA GLU A 72 35.73 20.94 -2.24
C GLU A 72 34.78 20.91 -3.46
N LEU A 73 33.47 20.79 -3.16
CA LEU A 73 32.44 20.81 -4.23
C LEU A 73 31.67 22.15 -4.37
N THR A 74 31.31 22.55 -5.61
CA THR A 74 30.40 23.72 -5.80
C THR A 74 29.21 23.57 -6.75
N GLY A 75 28.44 24.67 -6.91
CA GLY A 75 27.45 24.67 -8.00
C GLY A 75 26.28 23.69 -7.88
N LYS A 76 25.61 23.41 -9.02
CA LYS A 76 24.56 22.35 -9.00
C LYS A 76 25.04 20.97 -8.56
N PHE A 77 26.35 20.73 -8.73
CA PHE A 77 26.90 19.48 -8.18
C PHE A 77 26.83 19.30 -6.67
N GLU A 78 27.47 20.26 -5.97
CA GLU A 78 27.32 20.31 -4.51
C GLU A 78 25.88 20.11 -4.03
N LYS A 79 25.03 21.07 -4.39
CA LYS A 79 23.59 21.04 -4.12
C LYS A 79 22.85 19.71 -4.31
N LEU A 80 23.35 18.88 -5.21
CA LEU A 80 22.83 17.51 -5.28
C LEU A 80 23.44 16.54 -4.25
N ILE A 81 24.76 16.43 -4.28
CA ILE A 81 25.44 15.66 -3.23
C ILE A 81 24.95 15.85 -1.80
N VAL A 82 24.84 17.13 -1.44
CA VAL A 82 24.23 17.55 -0.17
C VAL A 82 22.82 17.07 0.11
N ALA A 83 22.01 17.07 -0.96
CA ALA A 83 20.73 16.35 -0.85
C ALA A 83 20.79 14.84 -0.59
N LEU A 84 21.76 14.17 -1.24
CA LEU A 84 21.92 12.72 -1.07
C LEU A 84 22.43 12.26 0.30
N MET A 85 23.21 13.15 0.89
CA MET A 85 23.67 12.90 2.24
C MET A 85 22.70 13.12 3.39
N LYS A 86 21.64 13.83 3.04
CA LYS A 86 20.60 14.16 3.99
C LYS A 86 19.71 12.99 4.35
N PRO A 87 19.57 12.68 5.65
CA PRO A 87 18.73 11.53 6.04
C PRO A 87 17.35 11.50 5.42
N SER A 88 16.97 10.40 4.79
CA SER A 88 15.68 10.49 4.06
C SER A 88 14.36 10.68 4.83
N ARG A 89 14.36 10.24 6.12
CA ARG A 89 13.34 10.73 7.09
C ARG A 89 13.13 12.23 7.21
N LEU A 90 14.24 12.87 6.92
CA LEU A 90 14.44 14.29 7.17
C LEU A 90 14.35 15.19 5.96
N TYR A 91 14.59 14.58 4.81
CA TYR A 91 14.75 15.41 3.62
C TYR A 91 13.63 16.39 3.27
N ASP A 92 12.40 15.94 3.45
CA ASP A 92 11.25 16.81 3.19
C ASP A 92 11.00 17.93 4.18
N ALA A 93 11.21 17.61 5.46
CA ALA A 93 11.13 18.66 6.48
C ALA A 93 12.14 19.82 6.32
N TYR A 94 13.41 19.44 6.14
CA TYR A 94 14.39 20.31 5.46
C TYR A 94 13.91 21.17 4.28
N GLU A 95 13.43 20.50 3.24
CA GLU A 95 13.05 21.33 2.09
C GLU A 95 11.92 22.27 2.30
N LEU A 96 11.06 21.84 3.23
CA LEU A 96 10.05 22.79 3.65
C LEU A 96 10.64 24.01 4.33
N LYS A 97 11.42 23.79 5.37
CA LYS A 97 12.08 24.96 5.95
C LYS A 97 12.75 25.93 4.96
N HIS A 98 13.61 25.38 4.10
CA HIS A 98 14.13 26.25 3.04
C HIS A 98 13.15 27.12 2.28
N ALA A 99 12.02 26.51 1.94
CA ALA A 99 10.89 27.29 1.42
C ALA A 99 10.21 28.30 2.39
N LEU A 100 9.90 27.85 3.62
CA LEU A 100 9.43 28.78 4.65
C LEU A 100 10.40 29.89 5.14
N LYS A 101 11.65 29.78 4.72
CA LYS A 101 12.60 30.67 5.39
C LYS A 101 13.58 31.46 4.52
N GLY A 102 13.90 30.97 3.28
CA GLY A 102 15.01 31.66 2.57
C GLY A 102 15.45 31.38 1.09
N ALA A 103 14.85 30.33 0.48
CA ALA A 103 15.08 30.23 -0.99
C ALA A 103 14.16 31.10 -1.94
N GLY A 104 13.20 31.86 -1.29
CA GLY A 104 12.26 32.82 -1.97
C GLY A 104 10.75 32.96 -1.57
N THR A 105 9.89 32.88 -2.62
CA THR A 105 8.43 32.97 -2.34
C THR A 105 7.62 31.78 -2.82
N ASN A 106 7.38 30.89 -1.84
CA ASN A 106 7.71 29.49 -2.14
C ASN A 106 6.72 28.35 -2.25
N GLU A 107 5.71 28.72 -2.99
CA GLU A 107 4.56 27.83 -3.08
C GLU A 107 4.82 26.52 -3.82
N LYS A 108 5.60 26.58 -4.93
CA LYS A 108 6.00 25.33 -5.64
C LYS A 108 6.47 24.19 -4.75
N VAL A 109 7.22 24.59 -3.73
CA VAL A 109 7.57 23.57 -2.74
C VAL A 109 6.47 23.17 -1.75
N LEU A 110 5.96 24.18 -1.00
CA LEU A 110 4.81 23.87 -0.13
C LEU A 110 3.62 23.10 -0.72
N THR A 111 3.16 23.65 -1.83
CA THR A 111 2.26 22.91 -2.70
C THR A 111 2.66 21.52 -3.05
N GLU A 112 3.84 21.42 -3.66
CA GLU A 112 4.19 20.07 -4.13
C GLU A 112 4.51 19.00 -3.08
N ILE A 113 5.33 19.35 -2.10
CA ILE A 113 5.38 18.40 -0.98
C ILE A 113 4.04 18.13 -0.27
N ILE A 114 3.39 19.20 0.19
CA ILE A 114 2.14 18.93 0.90
C ILE A 114 1.07 18.15 0.12
N ALA A 115 0.85 18.56 -1.12
CA ALA A 115 -0.13 17.78 -1.89
C ALA A 115 0.23 16.33 -2.26
N SER A 116 1.53 16.10 -2.41
CA SER A 116 1.94 14.76 -2.84
C SER A 116 2.32 13.72 -1.80
N ARG A 117 2.59 14.23 -0.59
CA ARG A 117 2.88 13.26 0.47
C ARG A 117 1.64 12.72 1.17
N THR A 118 1.59 11.39 1.26
CA THR A 118 0.43 10.78 1.96
C THR A 118 0.35 11.13 3.43
N PRO A 119 -0.80 10.87 4.06
CA PRO A 119 -0.90 11.12 5.49
C PRO A 119 0.16 10.51 6.41
N GLU A 120 0.58 9.25 6.17
CA GLU A 120 1.69 8.71 7.00
C GLU A 120 2.92 9.61 7.07
N GLU A 121 3.21 10.13 5.87
CA GLU A 121 4.24 11.12 5.59
C GLU A 121 4.07 12.57 6.10
N LEU A 122 2.87 13.13 5.92
CA LEU A 122 2.71 14.50 6.43
C LEU A 122 2.84 14.62 7.94
N ARG A 123 2.23 13.62 8.57
CA ARG A 123 2.43 13.41 9.99
C ARG A 123 3.85 13.29 10.50
N ALA A 124 4.62 12.35 9.87
CA ALA A 124 6.08 12.25 10.11
C ALA A 124 6.91 13.51 9.83
N ILE A 125 6.68 14.13 8.65
CA ILE A 125 7.28 15.45 8.35
C ILE A 125 6.99 16.51 9.38
N LYS A 126 5.72 16.67 9.71
CA LYS A 126 5.40 17.56 10.84
C LYS A 126 6.11 17.31 12.16
N GLN A 127 6.11 16.03 12.55
CA GLN A 127 6.79 15.63 13.80
C GLN A 127 8.22 16.08 13.80
N VAL A 128 8.90 15.56 12.78
CA VAL A 128 10.31 15.86 12.58
C VAL A 128 10.68 17.31 12.25
N TYR A 129 9.78 18.02 11.55
CA TYR A 129 10.02 19.45 11.33
C TYR A 129 10.21 20.23 12.62
N GLU A 130 9.32 19.91 13.54
CA GLU A 130 9.50 20.50 14.86
C GLU A 130 10.66 19.95 15.70
N GLU A 131 10.84 18.62 15.65
CA GLU A 131 11.99 18.03 16.36
C GLU A 131 13.39 18.52 15.94
N GLU A 132 13.47 18.70 14.65
CA GLU A 132 14.72 19.23 14.12
C GLU A 132 14.90 20.74 14.20
N TYR A 133 13.83 21.39 13.78
CA TYR A 133 13.91 22.84 13.58
C TYR A 133 13.44 23.77 14.70
N GLY A 134 12.87 23.15 15.75
CA GLY A 134 12.48 23.90 16.95
C GLY A 134 11.14 24.62 16.88
N SER A 135 10.86 25.09 15.67
CA SER A 135 9.52 25.59 15.34
C SER A 135 8.57 24.59 14.65
N SER A 136 7.27 24.81 14.86
CA SER A 136 6.37 23.84 14.21
C SER A 136 5.90 24.10 12.77
N LEU A 137 6.00 23.05 11.94
CA LEU A 137 5.53 23.16 10.54
C LEU A 137 4.26 23.99 10.29
N GLU A 138 3.19 23.63 11.00
CA GLU A 138 1.97 24.43 10.84
C GLU A 138 2.12 25.92 11.09
N ASP A 139 2.87 26.25 12.16
CA ASP A 139 2.99 27.70 12.39
C ASP A 139 3.87 28.43 11.40
N ASP A 140 4.98 27.78 11.05
CA ASP A 140 5.70 28.39 9.94
C ASP A 140 4.85 28.59 8.66
N VAL A 141 4.06 27.57 8.35
CA VAL A 141 3.16 27.81 7.21
C VAL A 141 2.15 28.96 7.31
N VAL A 142 1.41 28.97 8.42
CA VAL A 142 0.56 30.14 8.71
C VAL A 142 1.28 31.49 8.57
N GLY A 143 2.35 31.57 9.35
CA GLY A 143 3.28 32.70 9.25
C GLY A 143 3.70 33.18 7.84
N ASP A 144 4.05 32.25 6.94
CA ASP A 144 4.41 32.80 5.63
C ASP A 144 3.44 32.57 4.49
N THR A 145 2.15 32.39 4.83
CA THR A 145 1.18 32.27 3.71
C THR A 145 -0.12 33.05 3.83
N SER A 146 -0.95 32.95 2.78
CA SER A 146 -2.15 33.79 2.92
C SER A 146 -3.48 33.29 2.39
N GLY A 147 -4.52 33.75 3.10
CA GLY A 147 -5.90 33.58 2.60
C GLY A 147 -6.37 32.17 2.34
N TYR A 148 -7.19 31.99 1.28
CA TYR A 148 -7.65 30.61 0.98
C TYR A 148 -6.59 29.52 0.64
N TYR A 149 -5.45 29.96 0.04
CA TYR A 149 -4.29 29.04 -0.11
C TYR A 149 -3.75 28.50 1.21
N GLN A 150 -3.37 29.46 2.08
CA GLN A 150 -3.04 29.08 3.45
C GLN A 150 -4.03 28.10 4.10
N ARG A 151 -5.31 28.48 4.06
CA ARG A 151 -6.38 27.56 4.46
C ARG A 151 -6.24 26.08 4.02
N MET A 152 -6.17 25.89 2.70
CA MET A 152 -6.06 24.49 2.23
C MET A 152 -4.76 23.76 2.52
N LEU A 153 -3.64 24.50 2.48
CA LEU A 153 -2.45 23.86 3.05
C LEU A 153 -2.59 23.40 4.46
N VAL A 154 -3.27 24.23 5.23
CA VAL A 154 -3.67 23.81 6.57
C VAL A 154 -4.61 22.58 6.66
N VAL A 155 -5.56 22.52 5.73
CA VAL A 155 -6.38 21.30 5.62
C VAL A 155 -5.60 20.03 5.27
N LEU A 156 -4.90 20.11 4.14
CA LEU A 156 -4.02 19.00 3.78
C LEU A 156 -3.03 18.53 4.87
N LEU A 157 -2.46 19.56 5.51
CA LEU A 157 -1.49 19.37 6.61
C LEU A 157 -1.94 18.73 7.95
N GLN A 158 -3.26 18.62 8.12
CA GLN A 158 -3.75 17.87 9.29
C GLN A 158 -3.62 16.36 9.27
N ALA A 159 -3.46 15.84 8.03
CA ALA A 159 -3.59 14.41 7.77
C ALA A 159 -4.82 13.77 8.41
N ASN A 160 -5.96 14.11 7.82
CA ASN A 160 -7.23 13.66 8.42
C ASN A 160 -8.38 13.33 7.45
N ARG A 161 -7.92 12.57 6.44
CA ARG A 161 -8.91 12.17 5.44
C ARG A 161 -9.79 11.00 5.86
N ASP A 162 -11.07 11.08 5.48
CA ASP A 162 -11.95 9.92 5.69
C ASP A 162 -11.39 8.64 5.13
N PRO A 163 -11.12 7.65 5.98
CA PRO A 163 -10.48 6.45 5.41
C PRO A 163 -11.45 5.62 4.57
N ASP A 164 -10.86 4.66 3.87
CA ASP A 164 -11.67 4.00 2.84
C ASP A 164 -12.64 2.83 3.24
N ALA A 165 -13.97 3.12 3.09
CA ALA A 165 -14.98 2.05 2.84
C ALA A 165 -16.16 2.37 1.84
N GLY A 166 -17.05 1.37 1.54
CA GLY A 166 -18.20 1.61 0.62
C GLY A 166 -18.79 3.05 0.37
N ILE A 167 -18.54 3.58 -0.85
CA ILE A 167 -18.95 4.99 -1.03
C ILE A 167 -20.33 5.39 -1.59
N ASP A 168 -20.99 6.10 -0.65
CA ASP A 168 -22.17 6.98 -0.84
C ASP A 168 -22.38 7.58 -2.21
N GLU A 169 -22.82 6.79 -3.21
CA GLU A 169 -23.12 7.50 -4.46
C GLU A 169 -24.05 8.74 -4.36
N ALA A 170 -24.81 8.79 -3.24
CA ALA A 170 -25.44 10.06 -2.82
C ALA A 170 -24.52 11.26 -2.45
N GLN A 171 -23.56 11.09 -1.52
CA GLN A 171 -22.61 12.22 -1.45
C GLN A 171 -21.68 12.48 -2.65
N VAL A 172 -21.34 11.43 -3.37
CA VAL A 172 -20.74 11.63 -4.71
C VAL A 172 -21.53 12.54 -5.67
N GLU A 173 -22.86 12.32 -5.73
CA GLU A 173 -23.65 13.19 -6.63
C GLU A 173 -23.75 14.69 -6.22
N GLN A 174 -23.95 14.94 -4.91
CA GLN A 174 -23.78 16.31 -4.38
C GLN A 174 -22.40 16.95 -4.58
N ASP A 175 -21.39 16.16 -4.22
CA ASP A 175 -20.04 16.71 -4.34
C ASP A 175 -19.51 16.96 -5.73
N ALA A 176 -19.75 15.99 -6.63
CA ALA A 176 -19.45 16.33 -8.03
C ALA A 176 -20.19 17.59 -8.51
N GLN A 177 -21.51 17.63 -8.17
CA GLN A 177 -22.29 18.88 -8.40
C GLN A 177 -21.68 20.22 -7.96
N ALA A 178 -21.23 20.22 -6.71
CA ALA A 178 -20.54 21.39 -6.15
C ALA A 178 -19.14 21.71 -6.67
N LEU A 179 -18.41 20.65 -7.11
CA LEU A 179 -17.17 20.93 -7.88
C LEU A 179 -17.37 21.50 -9.28
N PHE A 180 -18.49 21.10 -9.90
CA PHE A 180 -18.96 21.80 -11.09
C PHE A 180 -19.28 23.33 -10.97
N GLN A 181 -20.15 23.66 -10.02
CA GLN A 181 -20.37 25.09 -9.75
C GLN A 181 -19.12 25.95 -9.42
N ALA A 182 -18.33 25.44 -8.46
CA ALA A 182 -17.00 26.06 -8.30
C ALA A 182 -15.96 26.01 -9.45
N GLY A 183 -16.15 25.07 -10.39
CA GLY A 183 -15.44 25.19 -11.69
C GLY A 183 -15.92 26.34 -12.60
N GLU A 184 -17.24 26.33 -12.93
CA GLU A 184 -17.83 27.41 -13.76
C GLU A 184 -17.41 28.82 -13.36
N LEU A 185 -17.35 28.93 -12.02
CA LEU A 185 -17.01 30.21 -11.38
C LEU A 185 -15.52 30.50 -11.10
N LYS A 186 -14.64 29.98 -12.00
CA LYS A 186 -13.16 30.14 -11.87
C LYS A 186 -12.44 29.84 -10.52
N TRP A 187 -12.95 28.79 -9.82
CA TRP A 187 -12.74 28.62 -8.34
C TRP A 187 -12.56 29.87 -7.42
N GLY A 188 -13.36 30.90 -7.77
CA GLY A 188 -13.43 32.15 -6.98
C GLY A 188 -14.68 32.45 -6.11
N THR A 189 -15.47 31.37 -5.91
CA THR A 189 -16.64 31.45 -5.00
C THR A 189 -16.94 30.16 -4.19
N ASP A 190 -17.33 30.40 -2.90
CA ASP A 190 -17.43 29.36 -1.86
C ASP A 190 -16.17 28.52 -1.68
N GLU A 191 -15.06 29.22 -1.38
CA GLU A 191 -13.86 28.41 -1.16
C GLU A 191 -13.94 27.50 0.04
N GLU A 192 -14.45 28.13 1.12
CA GLU A 192 -15.31 27.46 2.11
C GLU A 192 -15.81 26.01 1.93
N LYS A 193 -16.30 25.78 0.72
CA LYS A 193 -16.96 24.50 0.46
C LYS A 193 -16.11 23.48 -0.25
N PHE A 194 -15.42 23.98 -1.29
CA PHE A 194 -14.65 22.99 -2.04
C PHE A 194 -13.42 22.49 -1.31
N ILE A 195 -12.93 23.37 -0.43
CA ILE A 195 -11.72 23.02 0.32
C ILE A 195 -11.76 21.69 1.09
N THR A 196 -12.88 21.49 1.78
CA THR A 196 -13.14 20.21 2.45
C THR A 196 -13.32 19.08 1.51
N ILE A 197 -14.11 19.31 0.44
CA ILE A 197 -14.18 18.26 -0.60
C ILE A 197 -12.84 17.74 -1.11
N PHE A 198 -11.95 18.69 -1.37
CA PHE A 198 -10.64 18.21 -1.72
C PHE A 198 -9.70 17.89 -0.57
N GLY A 199 -10.02 18.31 0.66
CA GLY A 199 -9.01 18.02 1.70
C GLY A 199 -9.26 16.90 2.74
N THR A 200 -10.56 16.68 2.94
CA THR A 200 -11.04 15.74 3.98
C THR A 200 -11.77 14.53 3.48
N ARG A 201 -12.26 14.68 2.23
CA ARG A 201 -12.76 13.47 1.57
C ARG A 201 -11.65 12.44 1.32
N SER A 202 -12.06 11.21 1.02
CA SER A 202 -11.04 10.18 0.68
C SER A 202 -10.54 10.09 -0.76
N VAL A 203 -9.41 9.44 -0.87
CA VAL A 203 -8.90 9.20 -2.23
C VAL A 203 -9.86 8.59 -3.29
N SER A 204 -10.52 7.49 -2.92
CA SER A 204 -11.53 6.96 -3.85
C SER A 204 -12.99 7.38 -3.68
N HIS A 205 -13.26 8.19 -2.64
CA HIS A 205 -14.35 9.13 -2.88
C HIS A 205 -14.02 10.11 -3.99
N LEU A 206 -12.98 10.88 -3.75
CA LEU A 206 -12.53 11.79 -4.79
C LEU A 206 -12.29 11.27 -6.22
N ARG A 207 -11.70 10.07 -6.37
CA ARG A 207 -11.70 9.40 -7.70
C ARG A 207 -13.06 9.09 -8.34
N LYS A 208 -13.97 8.51 -7.53
CA LYS A 208 -15.40 8.51 -7.90
C LYS A 208 -15.99 9.86 -8.32
N VAL A 209 -15.94 10.81 -7.37
CA VAL A 209 -16.26 12.21 -7.65
C VAL A 209 -15.69 12.80 -8.91
N PHE A 210 -14.40 12.61 -9.15
CA PHE A 210 -13.86 13.16 -10.39
C PHE A 210 -14.45 12.57 -11.64
N ASP A 211 -14.85 11.29 -11.52
CA ASP A 211 -15.66 10.68 -12.60
C ASP A 211 -17.08 11.26 -12.78
N LYS A 212 -17.87 11.23 -11.69
CA LYS A 212 -19.17 11.91 -11.81
C LYS A 212 -19.13 13.37 -12.30
N TYR A 213 -18.07 14.08 -11.88
CA TYR A 213 -17.72 15.35 -12.56
C TYR A 213 -17.73 15.39 -14.09
N MET A 214 -17.19 14.33 -14.68
CA MET A 214 -17.22 14.29 -16.14
C MET A 214 -18.60 14.19 -16.78
N THR A 215 -19.41 13.33 -16.17
CA THR A 215 -20.79 13.31 -16.65
C THR A 215 -21.76 14.45 -16.25
N ILE A 216 -21.37 15.28 -15.26
CA ILE A 216 -22.10 16.57 -15.29
C ILE A 216 -21.73 17.52 -16.46
N SER A 217 -20.40 17.65 -16.63
CA SER A 217 -19.87 18.78 -17.44
C SER A 217 -19.27 18.47 -18.79
N GLY A 218 -19.25 17.17 -19.13
CA GLY A 218 -18.40 16.79 -20.26
C GLY A 218 -16.86 16.91 -20.11
N PHE A 219 -16.41 17.50 -18.98
CA PHE A 219 -14.97 17.73 -18.80
C PHE A 219 -14.25 17.12 -17.64
N GLN A 220 -12.96 16.84 -17.91
CA GLN A 220 -12.10 16.59 -16.73
C GLN A 220 -11.84 17.79 -15.86
N ILE A 221 -11.77 17.53 -14.55
CA ILE A 221 -11.70 18.68 -13.63
C ILE A 221 -10.46 19.58 -13.81
N GLU A 222 -9.36 18.87 -14.08
CA GLU A 222 -8.14 19.44 -14.68
C GLU A 222 -8.28 20.52 -15.76
N GLU A 223 -9.32 20.34 -16.59
CA GLU A 223 -9.66 21.34 -17.62
C GLU A 223 -10.07 22.73 -17.10
N THR A 224 -10.66 22.73 -15.88
CA THR A 224 -10.95 24.05 -15.24
C THR A 224 -9.76 24.97 -14.86
N ILE A 225 -8.57 24.36 -14.83
CA ILE A 225 -7.40 25.05 -14.26
C ILE A 225 -6.10 25.14 -15.12
N ASP A 226 -5.90 26.29 -15.74
CA ASP A 226 -4.65 26.45 -16.51
C ASP A 226 -3.30 26.53 -15.74
N ARG A 227 -2.26 25.86 -16.31
CA ARG A 227 -0.88 25.87 -15.73
C ARG A 227 0.16 27.04 -15.88
N GLU A 228 0.08 27.96 -16.89
CA GLU A 228 1.10 29.05 -16.72
C GLU A 228 0.78 30.09 -15.63
N THR A 229 -0.33 30.79 -15.95
CA THR A 229 -0.71 32.02 -15.22
C THR A 229 -0.91 31.89 -13.70
N SER A 230 -1.76 30.89 -13.36
CA SER A 230 -2.53 30.87 -12.08
C SER A 230 -2.03 31.28 -10.67
N GLY A 231 -3.03 31.78 -9.92
CA GLY A 231 -2.64 31.97 -8.51
C GLY A 231 -2.53 30.69 -7.68
N ASN A 232 -1.41 30.57 -6.94
CA ASN A 232 -1.35 29.76 -5.71
C ASN A 232 -2.41 28.66 -5.44
N LEU A 233 -3.64 29.13 -5.09
CA LEU A 233 -4.79 28.20 -4.89
C LEU A 233 -5.15 27.26 -6.01
N GLU A 234 -5.40 27.84 -7.19
CA GLU A 234 -5.63 26.96 -8.34
C GLU A 234 -4.58 25.85 -8.56
N GLN A 235 -3.33 26.28 -8.40
CA GLN A 235 -2.30 25.26 -8.49
C GLN A 235 -2.31 24.14 -7.41
N LEU A 236 -2.76 24.55 -6.21
CA LEU A 236 -2.93 23.58 -5.14
C LEU A 236 -4.04 22.60 -5.37
N LEU A 237 -5.15 23.15 -5.88
CA LEU A 237 -6.29 22.34 -6.30
C LEU A 237 -5.93 21.22 -7.28
N LEU A 238 -5.30 21.66 -8.39
CA LEU A 238 -4.81 20.78 -9.48
C LEU A 238 -3.67 19.78 -9.16
N ALA A 239 -2.77 20.23 -8.29
CA ALA A 239 -1.95 19.24 -7.55
C ALA A 239 -2.72 18.20 -6.72
N VAL A 240 -3.55 18.63 -5.76
CA VAL A 240 -4.46 17.65 -5.12
C VAL A 240 -5.10 16.67 -6.10
N VAL A 241 -5.78 17.23 -7.10
CA VAL A 241 -6.42 16.44 -8.17
C VAL A 241 -5.60 15.34 -8.89
N LYS A 242 -4.50 15.79 -9.48
CA LYS A 242 -3.56 14.83 -10.07
C LYS A 242 -2.94 13.79 -9.15
N SER A 243 -2.77 14.23 -7.87
CA SER A 243 -2.23 13.40 -6.77
C SER A 243 -3.14 12.30 -6.27
N ILE A 244 -4.39 12.70 -6.04
CA ILE A 244 -5.44 11.70 -5.93
C ILE A 244 -5.46 10.71 -7.08
N ARG A 245 -5.42 11.20 -8.30
CA ARG A 245 -5.33 10.17 -9.35
C ARG A 245 -4.09 9.26 -9.37
N SER A 246 -2.94 9.88 -9.10
CA SER A 246 -1.67 9.13 -9.08
C SER A 246 -0.47 9.94 -8.72
N ILE A 247 0.11 9.53 -7.58
CA ILE A 247 1.38 10.15 -7.17
C ILE A 247 2.65 10.03 -8.11
N PRO A 248 3.07 8.80 -8.51
CA PRO A 248 4.09 8.74 -9.56
C PRO A 248 3.86 9.60 -10.77
N ALA A 249 2.61 9.59 -11.21
CA ALA A 249 2.21 10.45 -12.34
C ALA A 249 2.30 11.95 -12.19
N TYR A 250 1.90 12.44 -11.01
CA TYR A 250 2.13 13.85 -10.68
C TYR A 250 3.60 14.27 -10.67
N LEU A 251 4.41 13.35 -10.17
CA LEU A 251 5.83 13.67 -10.12
C LEU A 251 6.60 13.52 -11.41
N ALA A 252 6.22 12.50 -12.15
CA ALA A 252 6.61 12.51 -13.56
C ALA A 252 6.32 13.79 -14.37
N GLU A 253 5.05 14.26 -14.29
CA GLU A 253 4.67 15.62 -14.78
C GLU A 253 5.48 16.84 -14.31
N THR A 254 5.55 16.99 -12.97
CA THR A 254 6.44 17.97 -12.31
C THR A 254 7.89 17.97 -12.80
N LEU A 255 8.39 16.76 -13.00
CA LEU A 255 9.64 16.57 -13.71
C LEU A 255 9.73 16.97 -15.19
N TYR A 256 8.73 16.63 -16.03
CA TYR A 256 8.79 17.23 -17.40
C TYR A 256 8.81 18.76 -17.44
N TYR A 257 7.86 19.37 -16.76
CA TYR A 257 7.83 20.85 -16.68
C TYR A 257 8.99 21.60 -15.95
N ALA A 258 9.72 20.82 -15.11
CA ALA A 258 11.04 21.24 -14.64
C ALA A 258 12.16 21.30 -15.69
N MET A 259 11.92 20.57 -16.79
CA MET A 259 12.88 20.50 -17.91
C MET A 259 12.55 21.18 -19.27
N LYS A 260 11.25 21.44 -19.48
CA LYS A 260 10.86 22.44 -20.50
C LYS A 260 11.23 23.92 -20.16
N GLY A 261 11.36 24.75 -21.23
CA GLY A 261 11.61 26.20 -20.98
C GLY A 261 13.04 26.74 -20.94
N ALA A 262 13.15 28.03 -21.30
CA ALA A 262 14.46 28.67 -21.23
C ALA A 262 15.11 28.68 -19.81
N GLY A 263 16.45 28.58 -19.74
CA GLY A 263 17.01 28.36 -18.38
C GLY A 263 16.85 26.97 -17.64
N THR A 264 15.58 26.62 -17.28
CA THR A 264 15.18 25.41 -16.51
C THR A 264 15.36 25.28 -14.96
N ASP A 265 14.80 24.17 -14.43
CA ASP A 265 14.56 24.12 -12.97
C ASP A 265 15.25 23.02 -12.14
N ASP A 266 16.50 23.30 -11.79
CA ASP A 266 17.25 22.25 -11.08
C ASP A 266 16.84 21.92 -9.64
N HIS A 267 16.42 22.98 -8.92
CA HIS A 267 15.68 22.84 -7.64
C HIS A 267 14.61 21.71 -7.64
N THR A 268 13.74 21.76 -8.66
CA THR A 268 12.79 20.66 -8.79
C THR A 268 13.35 19.30 -9.17
N LEU A 269 14.09 19.27 -10.28
CA LEU A 269 14.84 18.04 -10.65
C LEU A 269 15.47 17.26 -9.50
N ILE A 270 16.25 18.03 -8.76
CA ILE A 270 16.87 17.52 -7.54
C ILE A 270 15.91 17.06 -6.43
N ARG A 271 15.08 17.96 -5.91
CA ARG A 271 14.06 17.47 -4.95
C ARG A 271 13.31 16.18 -5.37
N VAL A 272 12.80 16.14 -6.61
CA VAL A 272 12.07 14.91 -6.97
C VAL A 272 12.88 13.63 -7.09
N MET A 273 13.86 13.68 -8.00
CA MET A 273 14.93 12.68 -7.99
C MET A 273 15.38 12.14 -6.62
N VAL A 274 15.93 13.05 -5.78
CA VAL A 274 16.41 12.59 -4.47
C VAL A 274 15.34 12.11 -3.53
N SER A 275 14.26 12.90 -3.41
CA SER A 275 13.23 12.54 -2.41
C SER A 275 12.51 11.23 -2.65
N ARG A 276 12.49 10.89 -3.93
CA ARG A 276 11.79 9.68 -4.38
C ARG A 276 12.67 8.51 -4.74
N SER A 277 13.97 8.75 -4.66
CA SER A 277 14.99 7.75 -5.09
C SER A 277 14.88 6.33 -4.58
N GLU A 278 14.51 6.29 -3.30
CA GLU A 278 14.24 5.03 -2.58
C GLU A 278 12.77 4.70 -2.28
N ILE A 279 11.90 5.49 -2.88
CA ILE A 279 10.50 5.13 -2.64
C ILE A 279 9.74 4.72 -3.89
N ASP A 280 9.73 5.62 -4.86
CA ASP A 280 8.94 5.28 -6.04
C ASP A 280 9.55 5.57 -7.40
N LEU A 281 10.80 6.00 -7.38
CA LEU A 281 11.33 6.51 -8.65
C LEU A 281 11.19 5.68 -9.91
N PHE A 282 11.39 4.37 -9.76
CA PHE A 282 11.06 3.53 -10.91
C PHE A 282 9.63 3.71 -11.52
N ASN A 283 8.67 3.81 -10.60
CA ASN A 283 7.29 4.09 -11.02
C ASN A 283 7.10 5.42 -11.77
N ILE A 284 7.68 6.48 -11.19
CA ILE A 284 7.73 7.79 -11.87
C ILE A 284 8.35 7.74 -13.25
N ARG A 285 9.38 6.91 -13.34
CA ARG A 285 10.09 6.76 -14.63
C ARG A 285 9.35 6.08 -15.77
N LYS A 286 8.80 4.91 -15.40
CA LYS A 286 7.90 4.19 -16.31
C LYS A 286 6.59 4.92 -16.66
N GLU A 287 6.08 5.63 -15.64
CA GLU A 287 5.02 6.60 -15.89
C GLU A 287 5.35 7.73 -16.90
N PHE A 288 6.59 8.31 -16.77
CA PHE A 288 7.14 9.32 -17.71
C PHE A 288 7.31 8.85 -19.16
N ARG A 289 7.88 7.64 -19.29
CA ARG A 289 7.73 6.97 -20.59
C ARG A 289 6.26 6.83 -21.05
N LYS A 290 5.38 6.48 -20.10
CA LYS A 290 3.96 6.46 -20.45
C LYS A 290 3.28 7.79 -20.86
N ASN A 291 3.19 8.83 -20.01
CA ASN A 291 2.50 10.03 -20.53
C ASN A 291 3.24 11.06 -21.38
N PHE A 292 4.58 10.97 -21.42
CA PHE A 292 5.32 12.01 -22.15
C PHE A 292 6.26 11.52 -23.25
N ALA A 293 6.36 10.18 -23.36
CA ALA A 293 7.05 9.55 -24.49
C ALA A 293 8.49 9.93 -24.99
N THR A 294 9.22 10.65 -24.14
CA THR A 294 10.67 10.34 -24.11
C THR A 294 11.12 9.90 -22.73
N SER A 295 12.24 9.17 -22.60
CA SER A 295 12.40 8.64 -21.23
C SER A 295 12.95 9.60 -20.22
N LEU A 296 12.72 9.32 -18.93
CA LEU A 296 13.28 10.33 -17.99
C LEU A 296 14.79 10.58 -18.16
N TYR A 297 15.52 9.45 -18.27
CA TYR A 297 16.94 9.43 -18.68
C TYR A 297 17.34 10.36 -19.85
N SER A 298 16.72 10.06 -20.99
CA SER A 298 16.88 10.97 -22.14
C SER A 298 16.60 12.45 -21.92
N MET A 299 15.45 12.75 -21.28
CA MET A 299 15.18 14.15 -20.89
C MET A 299 16.32 14.83 -20.15
N ILE A 300 16.78 14.09 -19.14
CA ILE A 300 17.83 14.62 -18.30
C ILE A 300 19.17 14.83 -19.01
N LYS A 301 19.59 13.77 -19.74
CA LYS A 301 20.80 13.94 -20.56
C LYS A 301 20.79 15.15 -21.53
N GLY A 302 19.62 15.41 -22.11
CA GLY A 302 19.54 16.70 -22.84
C GLY A 302 19.55 18.00 -22.01
N ASP A 303 18.78 17.96 -20.91
CA ASP A 303 18.66 19.18 -20.10
C ASP A 303 19.54 19.35 -18.85
N THR A 304 20.72 18.69 -18.86
CA THR A 304 21.70 18.86 -17.77
C THR A 304 23.16 18.68 -18.19
N SER A 305 24.11 19.22 -17.38
CA SER A 305 25.53 19.14 -17.84
C SER A 305 26.61 18.59 -16.89
N GLY A 306 27.74 18.19 -17.47
CA GLY A 306 28.90 17.94 -16.58
C GLY A 306 28.80 16.85 -15.48
N ASP A 307 29.15 17.20 -14.22
CA ASP A 307 29.07 16.10 -13.23
C ASP A 307 27.70 15.79 -12.60
N TYR A 308 27.02 16.89 -12.29
CA TYR A 308 25.58 16.93 -11.98
C TYR A 308 24.69 16.03 -12.88
N LYS A 309 24.85 16.25 -14.20
CA LYS A 309 24.32 15.32 -15.20
C LYS A 309 24.62 13.86 -14.93
N LYS A 310 25.92 13.57 -14.73
CA LYS A 310 26.26 12.15 -14.49
C LYS A 310 25.57 11.48 -13.29
N ALA A 311 25.78 12.12 -12.13
CA ALA A 311 25.05 11.76 -10.92
C ALA A 311 23.55 11.54 -11.09
N LEU A 312 22.93 12.51 -11.76
CA LEU A 312 21.50 12.35 -12.07
C LEU A 312 21.12 11.05 -12.72
N LEU A 313 21.80 10.80 -13.83
CA LEU A 313 21.54 9.56 -14.56
C LEU A 313 21.81 8.28 -13.81
N LEU A 314 22.96 8.27 -13.13
CA LEU A 314 23.17 7.16 -12.18
C LEU A 314 22.07 6.92 -11.14
N LEU A 315 21.62 8.01 -10.51
CA LEU A 315 20.42 7.86 -9.68
C LEU A 315 19.25 7.27 -10.40
N CYS A 316 19.08 7.81 -11.58
CA CYS A 316 17.96 7.40 -12.44
C CYS A 316 18.01 5.94 -12.91
N GLY A 317 19.24 5.44 -13.02
CA GLY A 317 19.33 4.08 -13.55
C GLY A 317 19.33 4.05 -15.06
N GLU A 318 18.25 3.40 -15.60
CA GLU A 318 18.09 3.22 -17.06
C GLU A 318 16.86 2.46 -17.66
N ASP A 319 16.19 1.59 -16.83
CA ASP A 319 15.27 0.55 -17.45
C ASP A 319 14.11 0.89 -18.43
N ASP A 320 13.14 1.67 -17.88
CA ASP A 320 11.89 1.95 -18.56
C ASP A 320 11.64 3.48 -18.65
N GLN B 3 -3.59 -0.47 -6.16
CA GLN B 3 -5.03 -0.33 -5.84
C GLN B 3 -5.29 0.45 -4.53
N VAL B 4 -6.44 1.14 -4.49
CA VAL B 4 -6.90 1.41 -3.13
C VAL B 4 -7.77 0.28 -2.59
N LEU B 5 -7.13 -0.41 -1.61
CA LEU B 5 -7.79 -1.51 -0.91
C LEU B 5 -8.73 -1.05 0.19
N ARG B 6 -10.01 -1.22 -0.14
CA ARG B 6 -11.09 -0.95 0.80
C ARG B 6 -11.96 -2.16 1.08
N GLY B 7 -12.47 -2.23 2.32
CA GLY B 7 -13.45 -3.29 2.60
C GLY B 7 -14.94 -2.94 2.40
N THR B 8 -15.83 -3.80 2.86
CA THR B 8 -17.21 -3.31 2.78
C THR B 8 -17.92 -2.93 4.08
N VAL B 9 -17.25 -3.25 5.20
CA VAL B 9 -17.74 -2.77 6.50
C VAL B 9 -17.07 -1.51 7.09
N THR B 10 -17.95 -0.56 7.41
CA THR B 10 -17.47 0.68 8.07
C THR B 10 -18.00 0.98 9.49
N ASP B 11 -17.33 1.97 10.14
CA ASP B 11 -17.87 2.57 11.39
C ASP B 11 -19.22 3.30 11.25
N PHE B 12 -20.22 2.79 11.99
CA PHE B 12 -21.44 3.61 12.17
C PHE B 12 -21.29 4.94 12.91
N PRO B 13 -21.62 6.03 12.20
CA PRO B 13 -21.55 7.37 12.83
C PRO B 13 -22.64 7.58 13.88
N GLY B 14 -22.19 8.09 15.03
CA GLY B 14 -23.15 8.18 16.15
C GLY B 14 -23.44 6.85 16.86
N PHE B 15 -22.34 6.09 16.99
CA PHE B 15 -22.33 4.82 17.72
C PHE B 15 -22.76 4.89 19.18
N ASP B 16 -23.87 4.22 19.49
CA ASP B 16 -24.16 4.15 20.91
C ASP B 16 -23.98 2.78 21.55
N GLU B 17 -22.79 2.60 22.14
CA GLU B 17 -22.38 1.29 22.70
C GLU B 17 -23.45 0.49 23.46
N ARG B 18 -24.11 1.21 24.36
CA ARG B 18 -25.24 0.54 24.99
C ARG B 18 -26.67 0.68 24.47
N ALA B 19 -27.01 1.68 23.63
CA ALA B 19 -28.31 1.49 22.96
C ALA B 19 -28.35 0.20 22.21
N ASP B 20 -27.28 0.02 21.43
CA ASP B 20 -27.07 -1.28 20.78
C ASP B 20 -26.99 -2.49 21.68
N ALA B 21 -26.37 -2.34 22.83
CA ALA B 21 -26.47 -3.47 23.75
C ALA B 21 -27.88 -3.83 24.20
N GLU B 22 -28.70 -2.79 24.37
CA GLU B 22 -30.11 -3.09 24.64
C GLU B 22 -30.81 -3.84 23.53
N THR B 23 -30.55 -3.28 22.34
CA THR B 23 -31.08 -3.92 21.12
C THR B 23 -30.75 -5.38 20.94
N LEU B 24 -29.52 -5.75 21.30
CA LEU B 24 -29.26 -7.18 21.44
C LEU B 24 -29.94 -7.94 22.61
N ARG B 25 -30.12 -7.24 23.73
CA ARG B 25 -30.94 -7.89 24.79
C ARG B 25 -32.38 -8.21 24.43
N LYS B 26 -33.13 -7.16 24.18
CA LYS B 26 -34.45 -7.53 23.66
C LYS B 26 -34.47 -8.27 22.30
N ALA B 27 -33.35 -8.20 21.57
CA ALA B 27 -33.37 -9.10 20.41
C ALA B 27 -33.30 -10.58 20.72
N MET B 28 -32.57 -10.89 21.76
CA MET B 28 -32.62 -12.31 21.98
C MET B 28 -33.25 -12.81 23.26
N LYS B 29 -33.88 -11.84 23.95
CA LYS B 29 -34.47 -12.24 25.22
C LYS B 29 -35.98 -12.12 25.35
N GLY B 30 -36.51 -13.30 25.75
CA GLY B 30 -37.93 -13.52 26.13
C GLY B 30 -38.62 -14.75 25.48
N LEU B 31 -39.33 -14.53 24.35
CA LEU B 31 -38.63 -14.09 23.11
C LEU B 31 -37.25 -14.74 22.88
N GLY B 32 -37.31 -16.04 22.55
CA GLY B 32 -36.10 -16.87 22.36
C GLY B 32 -35.02 -16.30 21.39
N THR B 33 -35.56 -15.71 20.30
CA THR B 33 -34.75 -14.80 19.43
C THR B 33 -35.54 -13.97 18.44
N ASP B 34 -34.90 -12.89 17.89
CA ASP B 34 -35.40 -12.11 16.70
C ASP B 34 -34.32 -11.81 15.66
N GLU B 35 -34.14 -12.78 14.75
CA GLU B 35 -32.94 -12.69 13.90
C GLU B 35 -32.63 -11.36 13.18
N GLU B 36 -33.63 -10.79 12.51
CA GLU B 36 -33.28 -9.64 11.67
C GLU B 36 -32.88 -8.29 12.31
N SER B 37 -33.02 -8.18 13.63
CA SER B 37 -32.26 -7.06 14.23
C SER B 37 -30.87 -7.38 14.75
N ILE B 38 -30.74 -8.62 15.24
CA ILE B 38 -29.40 -9.17 15.41
C ILE B 38 -28.47 -9.03 14.19
N LEU B 39 -28.84 -9.83 13.20
CA LEU B 39 -28.31 -9.74 11.85
C LEU B 39 -27.91 -8.35 11.30
N THR B 40 -28.88 -7.43 11.26
CA THR B 40 -28.62 -6.06 10.72
C THR B 40 -27.73 -5.10 11.54
N LEU B 41 -28.02 -5.08 12.85
CA LEU B 41 -27.04 -4.46 13.75
C LEU B 41 -25.59 -4.94 13.53
N LEU B 42 -25.31 -6.23 13.78
CA LEU B 42 -23.89 -6.63 13.68
C LEU B 42 -23.11 -6.34 12.38
N THR B 43 -23.87 -6.13 11.31
CA THR B 43 -23.19 -5.96 10.00
C THR B 43 -23.17 -4.55 9.43
N SER B 44 -23.91 -3.69 10.16
CA SER B 44 -23.67 -2.23 10.09
C SER B 44 -22.66 -1.62 11.08
N ARG B 45 -22.34 -2.38 12.16
CA ARG B 45 -21.20 -1.99 13.02
C ARG B 45 -19.80 -2.62 12.77
N SER B 46 -18.80 -1.76 12.62
CA SER B 46 -17.48 -2.40 12.54
C SER B 46 -17.03 -3.28 13.70
N ASN B 47 -16.35 -4.38 13.37
CA ASN B 47 -15.71 -5.26 14.37
C ASN B 47 -15.30 -4.71 15.77
N ALA B 48 -14.31 -3.81 15.81
CA ALA B 48 -14.01 -3.13 17.10
C ALA B 48 -15.18 -2.45 17.89
N GLN B 49 -16.18 -2.02 17.11
CA GLN B 49 -17.45 -1.65 17.74
C GLN B 49 -18.30 -2.78 18.25
N ARG B 50 -18.22 -3.89 17.53
CA ARG B 50 -18.82 -5.09 18.09
C ARG B 50 -18.19 -5.56 19.38
N GLN B 51 -16.89 -5.37 19.49
CA GLN B 51 -16.36 -5.53 20.86
C GLN B 51 -16.83 -4.56 21.94
N GLU B 52 -16.89 -3.29 21.59
CA GLU B 52 -17.62 -2.40 22.51
C GLU B 52 -19.07 -2.76 22.90
N ILE B 53 -19.84 -3.17 21.90
CA ILE B 53 -21.13 -3.79 22.23
C ILE B 53 -21.04 -5.08 23.05
N SER B 54 -19.98 -5.85 22.78
CA SER B 54 -19.74 -7.02 23.63
C SER B 54 -19.39 -6.73 25.04
N ALA B 55 -18.71 -5.60 25.23
CA ALA B 55 -18.34 -5.17 26.58
C ALA B 55 -19.39 -4.40 27.38
N ALA B 56 -19.95 -3.37 26.76
CA ALA B 56 -21.15 -2.80 27.37
C ALA B 56 -22.29 -3.80 27.63
N PHE B 57 -22.36 -4.87 26.83
CA PHE B 57 -23.24 -5.96 27.27
C PHE B 57 -22.91 -6.60 28.64
N LYS B 58 -21.62 -6.79 28.89
CA LYS B 58 -21.28 -7.34 30.20
C LYS B 58 -21.38 -6.43 31.43
N THR B 59 -20.92 -5.17 31.29
CA THR B 59 -21.26 -4.15 32.33
C THR B 59 -22.74 -4.00 32.61
N LEU B 60 -23.52 -3.92 31.52
CA LEU B 60 -24.96 -3.75 31.74
C LEU B 60 -25.76 -4.88 32.36
N PHE B 61 -25.50 -6.12 31.86
CA PHE B 61 -26.40 -7.24 32.17
C PHE B 61 -25.82 -8.46 32.94
N GLY B 62 -24.48 -8.49 33.02
CA GLY B 62 -23.91 -9.72 33.60
C GLY B 62 -23.92 -10.97 32.72
N ARG B 63 -24.44 -10.75 31.50
CA ARG B 63 -24.30 -11.79 30.48
C ARG B 63 -23.12 -11.59 29.52
N ASP B 64 -22.38 -12.71 29.25
CA ASP B 64 -21.42 -12.72 28.12
C ASP B 64 -22.07 -12.65 26.75
N LEU B 65 -22.20 -11.42 26.18
CA LEU B 65 -22.89 -11.26 24.86
C LEU B 65 -22.78 -12.43 23.91
N LEU B 66 -21.52 -12.75 23.59
CA LEU B 66 -21.19 -13.90 22.74
C LEU B 66 -21.81 -15.27 23.05
N ASP B 67 -21.75 -15.67 24.33
CA ASP B 67 -22.48 -16.90 24.73
C ASP B 67 -24.01 -16.86 24.47
N ASP B 68 -24.53 -15.66 24.70
CA ASP B 68 -25.95 -15.40 24.41
C ASP B 68 -26.33 -15.40 22.91
N LEU B 69 -25.59 -14.58 22.12
CA LEU B 69 -25.66 -14.64 20.65
C LEU B 69 -25.66 -16.05 20.03
N LYS B 70 -24.81 -16.96 20.60
CA LYS B 70 -24.80 -18.37 20.17
C LYS B 70 -25.75 -19.38 20.80
N SER B 71 -26.28 -19.00 21.97
CA SER B 71 -27.32 -19.93 22.44
C SER B 71 -28.73 -19.70 21.93
N GLU B 72 -28.96 -18.49 21.45
CA GLU B 72 -30.25 -18.38 20.78
C GLU B 72 -30.28 -18.64 19.25
N LEU B 73 -29.10 -19.05 18.70
CA LEU B 73 -29.03 -19.17 17.23
C LEU B 73 -28.49 -20.50 16.69
N THR B 74 -28.97 -20.89 15.49
CA THR B 74 -28.44 -22.19 14.94
C THR B 74 -27.79 -22.23 13.53
N GLY B 75 -27.06 -23.35 13.33
CA GLY B 75 -26.41 -23.66 12.04
C GLY B 75 -25.50 -22.57 11.44
N LYS B 76 -25.26 -22.65 10.13
CA LYS B 76 -24.53 -21.57 9.40
C LYS B 76 -24.71 -20.08 9.86
N PHE B 77 -25.96 -19.56 9.96
CA PHE B 77 -26.09 -18.20 10.54
C PHE B 77 -25.37 -17.95 11.89
N GLU B 78 -25.54 -18.92 12.79
CA GLU B 78 -24.81 -18.81 14.07
C GLU B 78 -23.32 -18.69 13.93
N LYS B 79 -22.77 -19.56 13.08
CA LYS B 79 -21.31 -19.51 12.83
C LYS B 79 -20.77 -18.22 12.19
N LEU B 80 -21.63 -17.63 11.36
CA LEU B 80 -21.42 -16.22 10.97
C LEU B 80 -21.39 -15.15 12.07
N ILE B 81 -22.45 -15.11 12.88
CA ILE B 81 -22.37 -14.17 14.00
C ILE B 81 -21.14 -14.38 14.89
N VAL B 82 -20.97 -15.63 15.26
CA VAL B 82 -19.69 -15.96 15.89
C VAL B 82 -18.38 -15.66 15.16
N ALA B 83 -18.42 -15.57 13.84
CA ALA B 83 -17.22 -14.99 13.24
C ALA B 83 -17.10 -13.47 13.20
N LEU B 84 -18.26 -12.82 13.07
CA LEU B 84 -18.26 -11.35 13.13
C LEU B 84 -17.79 -10.74 14.44
N MET B 85 -18.23 -11.40 15.52
CA MET B 85 -17.77 -11.00 16.88
C MET B 85 -16.45 -11.68 17.33
N LYS B 86 -15.61 -11.83 16.36
CA LYS B 86 -14.32 -12.40 16.71
C LYS B 86 -13.17 -11.48 16.23
N PRO B 87 -12.37 -11.00 17.22
CA PRO B 87 -11.51 -9.82 17.00
C PRO B 87 -10.51 -9.86 15.84
N SER B 88 -10.57 -8.88 14.90
CA SER B 88 -9.60 -8.88 13.77
C SER B 88 -8.20 -9.47 13.97
N ARG B 89 -7.49 -8.89 14.95
CA ARG B 89 -6.16 -9.46 15.30
C ARG B 89 -6.00 -11.01 15.40
N LEU B 90 -7.08 -11.53 16.00
CA LEU B 90 -7.34 -12.94 16.34
C LEU B 90 -8.09 -13.82 15.37
N TYR B 91 -8.84 -13.26 14.42
CA TYR B 91 -9.60 -14.26 13.66
C TYR B 91 -8.76 -15.29 12.89
N ASP B 92 -7.79 -14.76 12.17
CA ASP B 92 -6.86 -15.65 11.48
C ASP B 92 -6.19 -16.73 12.32
N ALA B 93 -5.61 -16.29 13.44
CA ALA B 93 -4.81 -17.24 14.23
C ALA B 93 -5.61 -18.40 14.85
N TYR B 94 -6.84 -18.04 15.21
CA TYR B 94 -7.91 -18.95 15.61
C TYR B 94 -8.30 -20.03 14.59
N GLU B 95 -8.48 -19.57 13.37
CA GLU B 95 -8.73 -20.52 12.27
C GLU B 95 -7.53 -21.39 11.82
N LEU B 96 -6.31 -20.82 11.87
CA LEU B 96 -5.10 -21.66 11.80
C LEU B 96 -5.09 -22.75 12.85
N LYS B 97 -5.20 -22.29 14.09
CA LYS B 97 -5.32 -23.19 15.24
C LYS B 97 -6.37 -24.30 15.19
N HIS B 98 -7.59 -23.85 14.92
CA HIS B 98 -8.67 -24.83 14.78
C HIS B 98 -8.56 -25.75 13.57
N ALA B 99 -7.65 -25.39 12.63
CA ALA B 99 -7.27 -26.35 11.59
C ALA B 99 -6.15 -27.33 11.99
N LEU B 100 -5.43 -26.90 13.03
CA LEU B 100 -4.20 -27.55 13.51
C LEU B 100 -4.36 -28.38 14.81
N LYS B 101 -4.57 -27.66 15.93
CA LYS B 101 -5.27 -28.33 17.03
C LYS B 101 -6.46 -29.20 16.55
N GLY B 102 -6.42 -30.49 16.88
CA GLY B 102 -7.62 -31.33 16.73
C GLY B 102 -8.52 -31.46 15.47
N ALA B 103 -8.29 -30.70 14.38
CA ALA B 103 -9.35 -30.64 13.33
C ALA B 103 -9.78 -31.86 12.44
N GLY B 104 -9.03 -33.00 12.57
CA GLY B 104 -8.87 -33.92 11.41
C GLY B 104 -7.49 -33.80 10.72
N THR B 105 -7.51 -33.56 9.39
CA THR B 105 -6.23 -33.21 8.68
C THR B 105 -6.17 -31.92 7.77
N ASN B 106 -6.47 -30.73 8.34
CA ASN B 106 -6.94 -29.59 7.50
C ASN B 106 -5.97 -28.71 6.69
N GLU B 107 -5.15 -29.38 5.89
CA GLU B 107 -4.21 -28.67 5.02
C GLU B 107 -4.74 -27.58 4.06
N LYS B 108 -6.08 -27.50 3.95
CA LYS B 108 -6.75 -26.45 3.16
C LYS B 108 -6.74 -25.09 3.78
N VAL B 109 -6.93 -25.10 5.10
CA VAL B 109 -6.87 -23.79 5.76
C VAL B 109 -5.46 -23.19 5.92
N LEU B 110 -4.51 -24.10 6.17
CA LEU B 110 -3.12 -23.63 6.17
C LEU B 110 -2.63 -22.95 4.88
N THR B 111 -2.67 -23.72 3.80
CA THR B 111 -2.50 -23.11 2.47
C THR B 111 -3.15 -21.75 2.24
N GLU B 112 -4.46 -21.71 2.50
CA GLU B 112 -5.15 -20.43 2.31
C GLU B 112 -4.62 -19.17 3.02
N ILE B 113 -4.55 -19.29 4.36
CA ILE B 113 -4.10 -18.16 5.19
C ILE B 113 -2.63 -17.79 5.00
N ILE B 114 -1.77 -18.78 5.09
CA ILE B 114 -0.35 -18.47 4.87
C ILE B 114 -0.01 -18.02 3.45
N ALA B 115 -0.73 -18.62 2.49
CA ALA B 115 -0.45 -18.16 1.12
C ALA B 115 -1.01 -16.82 0.73
N SER B 116 -2.09 -16.43 1.40
CA SER B 116 -2.65 -15.09 1.08
C SER B 116 -2.23 -13.95 1.96
N ARG B 117 -1.72 -14.32 3.10
CA ARG B 117 -1.26 -13.26 3.98
C ARG B 117 0.14 -12.66 3.71
N THR B 118 0.12 -11.35 3.56
CA THR B 118 1.39 -10.59 3.54
C THR B 118 2.35 -10.76 4.73
N PRO B 119 3.65 -10.54 4.55
CA PRO B 119 4.56 -10.52 5.69
C PRO B 119 4.07 -9.86 6.97
N GLU B 120 3.56 -8.64 6.82
CA GLU B 120 3.14 -8.04 8.10
C GLU B 120 1.93 -8.65 8.82
N GLU B 121 1.07 -9.23 7.99
CA GLU B 121 -0.02 -10.04 8.56
C GLU B 121 0.40 -11.37 9.12
N LEU B 122 1.40 -11.97 8.48
CA LEU B 122 1.98 -13.15 9.12
C LEU B 122 2.74 -12.90 10.43
N ARG B 123 3.56 -11.85 10.46
CA ARG B 123 4.17 -11.39 11.73
C ARG B 123 3.24 -11.08 12.89
N ALA B 124 2.16 -10.33 12.60
CA ALA B 124 1.15 -10.27 13.67
C ALA B 124 0.42 -11.58 14.02
N ILE B 125 0.02 -12.37 12.98
CA ILE B 125 -0.48 -13.72 13.31
C ILE B 125 0.45 -14.52 14.19
N LYS B 126 1.63 -14.87 13.68
CA LYS B 126 2.61 -15.56 14.56
C LYS B 126 2.75 -15.13 16.04
N GLN B 127 2.86 -13.83 16.29
CA GLN B 127 2.88 -13.47 17.71
C GLN B 127 1.56 -13.45 18.47
N VAL B 128 0.49 -13.08 17.78
CA VAL B 128 -0.80 -13.16 18.51
C VAL B 128 -1.31 -14.59 18.67
N TYR B 129 -1.00 -15.38 17.65
CA TYR B 129 -1.10 -16.84 17.79
C TYR B 129 -0.29 -17.39 18.94
N GLU B 130 0.99 -17.01 18.92
CA GLU B 130 1.88 -17.46 20.00
C GLU B 130 1.42 -17.19 21.42
N GLU B 131 1.04 -15.91 21.67
CA GLU B 131 0.33 -15.58 22.93
C GLU B 131 -0.99 -16.29 23.20
N GLU B 132 -1.88 -16.21 22.24
CA GLU B 132 -3.20 -16.74 22.59
C GLU B 132 -3.36 -18.23 22.83
N TYR B 133 -2.47 -19.02 22.22
CA TYR B 133 -2.60 -20.46 22.46
C TYR B 133 -1.36 -21.13 23.04
N GLY B 134 -0.55 -20.30 23.72
CA GLY B 134 0.73 -20.73 24.32
C GLY B 134 1.87 -21.32 23.47
N SER B 135 1.47 -21.94 22.34
CA SER B 135 2.46 -22.55 21.46
C SER B 135 2.75 -21.71 20.24
N SER B 136 3.91 -21.92 19.66
CA SER B 136 4.15 -21.09 18.46
C SER B 136 3.47 -21.57 17.19
N LEU B 137 2.87 -20.63 16.45
CA LEU B 137 2.28 -21.02 15.13
C LEU B 137 3.11 -21.98 14.22
N GLU B 138 4.40 -21.65 14.06
CA GLU B 138 5.28 -22.58 13.37
C GLU B 138 5.36 -24.01 13.91
N ASP B 139 5.79 -24.14 15.18
CA ASP B 139 5.94 -25.48 15.78
C ASP B 139 4.76 -26.44 15.66
N ASP B 140 3.56 -25.85 15.86
CA ASP B 140 2.31 -26.51 15.41
C ASP B 140 2.18 -26.94 13.95
N VAL B 141 2.35 -25.94 13.06
CA VAL B 141 2.40 -26.25 11.61
C VAL B 141 3.31 -27.46 11.23
N VAL B 142 4.53 -27.41 11.81
CA VAL B 142 5.51 -28.52 11.68
C VAL B 142 5.08 -29.93 12.13
N GLY B 143 4.49 -30.02 13.35
CA GLY B 143 4.12 -31.35 13.85
C GLY B 143 3.01 -32.12 13.13
N ASP B 144 2.05 -31.37 12.61
CA ASP B 144 1.02 -32.07 11.83
C ASP B 144 1.21 -32.15 10.31
N THR B 145 2.27 -31.50 9.82
CA THR B 145 2.55 -31.71 8.38
C THR B 145 3.84 -32.43 8.03
N SER B 146 3.92 -32.94 6.79
CA SER B 146 5.25 -33.47 6.45
C SER B 146 5.71 -33.37 5.00
N GLY B 147 6.96 -33.74 4.74
CA GLY B 147 7.42 -33.57 3.36
C GLY B 147 7.76 -32.13 2.91
N TYR B 148 7.75 -31.89 1.58
CA TYR B 148 8.04 -30.48 1.21
C TYR B 148 6.92 -29.46 1.55
N TYR B 149 5.67 -29.95 1.56
CA TYR B 149 4.55 -29.13 2.08
C TYR B 149 4.78 -28.43 3.42
N GLN B 150 5.20 -29.23 4.38
CA GLN B 150 5.79 -28.60 5.57
C GLN B 150 6.88 -27.54 5.35
N ARG B 151 7.88 -27.99 4.57
CA ARG B 151 9.05 -27.15 4.28
C ARG B 151 8.78 -25.76 3.67
N MET B 152 8.02 -25.80 2.57
CA MET B 152 7.37 -24.62 1.95
C MET B 152 6.51 -23.74 2.86
N LEU B 153 5.72 -24.42 3.67
CA LEU B 153 5.04 -23.62 4.69
C LEU B 153 5.94 -22.89 5.66
N VAL B 154 6.97 -23.58 6.12
CA VAL B 154 7.92 -22.92 7.04
C VAL B 154 8.62 -21.67 6.47
N VAL B 155 9.13 -21.87 5.24
CA VAL B 155 9.55 -20.72 4.41
C VAL B 155 8.54 -19.57 4.28
N LEU B 156 7.28 -19.86 3.85
CA LEU B 156 6.31 -18.75 3.81
C LEU B 156 6.01 -18.11 5.19
N LEU B 157 5.95 -19.04 6.15
CA LEU B 157 5.89 -18.69 7.57
C LEU B 157 7.00 -17.79 8.13
N GLN B 158 8.11 -17.75 7.40
CA GLN B 158 9.10 -16.71 7.75
C GLN B 158 8.82 -15.22 7.57
N ALA B 159 7.74 -14.84 6.86
CA ALA B 159 7.57 -13.41 6.50
C ALA B 159 8.72 -12.54 5.92
N ASN B 160 9.84 -13.17 5.56
CA ASN B 160 11.00 -12.45 5.02
C ASN B 160 11.36 -12.85 3.56
N ARG B 161 10.66 -12.18 2.64
CA ARG B 161 10.79 -12.33 1.17
C ARG B 161 11.37 -11.07 0.53
N ASP B 162 12.32 -11.22 -0.42
CA ASP B 162 13.08 -10.03 -0.92
C ASP B 162 12.33 -8.71 -1.22
N PRO B 163 12.98 -7.57 -0.85
CA PRO B 163 12.44 -6.27 -1.31
C PRO B 163 12.40 -6.01 -2.82
N ASP B 164 11.19 -5.60 -3.24
CA ASP B 164 10.96 -4.97 -4.57
C ASP B 164 11.90 -3.81 -4.88
N ALA B 165 12.70 -4.07 -5.91
CA ALA B 165 13.87 -3.20 -6.04
C ALA B 165 14.44 -3.06 -7.45
N GLY B 166 15.77 -2.83 -7.58
CA GLY B 166 16.35 -3.09 -8.91
C GLY B 166 16.11 -4.52 -9.43
N ILE B 167 15.22 -4.63 -10.45
CA ILE B 167 14.94 -6.01 -10.92
C ILE B 167 15.91 -6.56 -11.97
N ASP B 168 16.63 -7.57 -11.48
CA ASP B 168 17.83 -8.06 -12.17
C ASP B 168 17.65 -8.96 -13.40
N GLU B 169 17.49 -8.37 -14.62
CA GLU B 169 17.17 -9.21 -15.82
C GLU B 169 17.78 -10.61 -15.95
N ALA B 170 19.11 -10.71 -15.77
CA ALA B 170 19.76 -12.03 -15.64
C ALA B 170 19.14 -13.07 -14.65
N GLN B 171 18.87 -12.58 -13.44
CA GLN B 171 18.30 -13.45 -12.40
C GLN B 171 16.95 -14.05 -12.71
N VAL B 172 16.14 -13.23 -13.38
CA VAL B 172 14.82 -13.72 -13.88
C VAL B 172 14.83 -14.98 -14.75
N GLU B 173 15.61 -14.84 -15.81
CA GLU B 173 15.75 -15.90 -16.81
C GLU B 173 16.26 -17.24 -16.24
N GLN B 174 17.18 -17.12 -15.27
CA GLN B 174 17.59 -18.38 -14.62
C GLN B 174 16.50 -19.04 -13.77
N ASP B 175 15.75 -18.17 -13.09
CA ASP B 175 14.52 -18.66 -12.43
C ASP B 175 13.45 -19.30 -13.31
N ALA B 176 13.13 -18.57 -14.37
CA ALA B 176 12.18 -19.09 -15.34
C ALA B 176 12.56 -20.41 -16.00
N GLN B 177 13.84 -20.53 -16.35
CA GLN B 177 14.25 -21.86 -16.79
C GLN B 177 14.22 -22.91 -15.72
N ALA B 178 14.75 -22.59 -14.55
CA ALA B 178 14.50 -23.53 -13.44
C ALA B 178 13.02 -23.93 -13.16
N LEU B 179 12.13 -22.98 -13.40
CA LEU B 179 10.69 -23.32 -13.35
C LEU B 179 10.15 -24.10 -14.56
N PHE B 180 10.77 -23.85 -15.72
CA PHE B 180 10.59 -24.75 -16.87
C PHE B 180 11.07 -26.22 -16.69
N GLN B 181 12.31 -26.32 -16.22
CA GLN B 181 12.86 -27.59 -15.71
C GLN B 181 11.96 -28.42 -14.77
N ALA B 182 11.53 -27.78 -13.66
CA ALA B 182 10.62 -28.50 -12.73
C ALA B 182 9.16 -28.70 -13.14
N GLY B 183 8.64 -27.71 -13.90
CA GLY B 183 7.41 -27.97 -14.65
C GLY B 183 7.31 -29.28 -15.47
N GLU B 184 8.24 -29.47 -16.46
CA GLU B 184 8.14 -30.73 -17.25
C GLU B 184 8.15 -32.05 -16.44
N LEU B 185 8.82 -31.92 -15.31
CA LEU B 185 8.89 -33.03 -14.37
C LEU B 185 7.78 -32.98 -13.32
N LYS B 186 6.61 -32.45 -13.78
CA LYS B 186 5.34 -32.37 -13.02
C LYS B 186 5.35 -31.88 -11.54
N TRP B 187 6.42 -31.11 -11.24
CA TRP B 187 6.87 -30.72 -9.88
C TRP B 187 7.27 -31.84 -8.91
N GLY B 188 7.25 -33.07 -9.44
CA GLY B 188 7.55 -34.21 -8.57
C GLY B 188 8.99 -34.40 -8.05
N THR B 189 9.91 -33.59 -8.62
CA THR B 189 11.34 -33.59 -8.24
C THR B 189 12.16 -32.33 -8.59
N ASP B 190 13.51 -32.34 -8.43
CA ASP B 190 14.21 -31.04 -8.19
C ASP B 190 13.86 -30.19 -6.91
N GLU B 191 12.55 -29.93 -6.69
CA GLU B 191 11.96 -29.47 -5.41
C GLU B 191 12.54 -28.30 -4.63
N GLU B 192 13.66 -28.60 -3.97
CA GLU B 192 14.31 -27.59 -3.12
C GLU B 192 14.75 -26.25 -3.74
N LYS B 193 15.01 -26.21 -5.06
CA LYS B 193 15.13 -24.82 -5.53
C LYS B 193 13.85 -24.01 -5.79
N PHE B 194 12.73 -24.68 -6.20
CA PHE B 194 11.53 -23.81 -6.34
C PHE B 194 10.92 -23.24 -5.09
N ILE B 195 11.09 -24.00 -4.00
CA ILE B 195 10.80 -23.48 -2.66
C ILE B 195 11.51 -22.18 -2.31
N THR B 196 12.71 -22.04 -2.87
CA THR B 196 13.40 -20.75 -2.73
C THR B 196 13.03 -19.72 -3.77
N ILE B 197 12.71 -20.19 -4.97
CA ILE B 197 12.14 -19.20 -5.89
C ILE B 197 10.80 -18.61 -5.43
N PHE B 198 9.83 -19.48 -5.19
CA PHE B 198 8.56 -19.02 -4.61
C PHE B 198 8.58 -18.25 -3.29
N GLY B 199 9.30 -18.86 -2.35
CA GLY B 199 9.15 -18.29 -1.01
C GLY B 199 9.99 -17.09 -0.70
N THR B 200 11.14 -17.02 -1.39
CA THR B 200 11.99 -15.82 -1.23
C THR B 200 12.10 -14.77 -2.34
N ARG B 201 11.72 -15.09 -3.59
CA ARG B 201 11.97 -13.99 -4.50
C ARG B 201 11.09 -12.76 -4.34
N SER B 202 11.66 -11.59 -4.64
CA SER B 202 10.80 -10.37 -4.56
C SER B 202 9.58 -10.37 -5.44
N VAL B 203 8.43 -9.95 -4.91
CA VAL B 203 7.22 -9.91 -5.78
C VAL B 203 7.29 -9.27 -7.21
N SER B 204 7.89 -8.08 -7.34
CA SER B 204 8.01 -7.59 -8.74
C SER B 204 8.94 -8.36 -9.66
N HIS B 205 9.88 -9.05 -8.98
CA HIS B 205 10.57 -10.23 -9.54
C HIS B 205 9.74 -11.47 -9.90
N LEU B 206 9.04 -12.06 -8.94
CA LEU B 206 8.23 -13.22 -9.31
C LEU B 206 7.12 -13.01 -10.37
N ARG B 207 6.62 -11.77 -10.48
CA ARG B 207 5.73 -11.56 -11.62
C ARG B 207 6.38 -11.45 -13.01
N LYS B 208 7.61 -10.94 -13.02
CA LYS B 208 8.39 -11.12 -14.25
C LYS B 208 8.86 -12.54 -14.62
N VAL B 209 9.27 -13.31 -13.60
CA VAL B 209 9.38 -14.76 -13.90
C VAL B 209 8.13 -15.44 -14.43
N PHE B 210 7.00 -15.14 -13.79
CA PHE B 210 5.74 -15.57 -14.41
C PHE B 210 5.51 -15.19 -15.89
N ASP B 211 5.91 -13.95 -16.20
CA ASP B 211 6.02 -13.60 -17.62
C ASP B 211 7.07 -14.35 -18.46
N LYS B 212 8.38 -14.11 -18.21
CA LYS B 212 9.43 -14.94 -18.83
C LYS B 212 9.26 -16.48 -19.02
N TYR B 213 8.69 -17.14 -17.99
CA TYR B 213 8.24 -18.54 -18.15
C TYR B 213 7.29 -18.90 -19.32
N MET B 214 6.13 -18.22 -19.37
CA MET B 214 5.20 -18.55 -20.46
C MET B 214 5.84 -18.68 -21.85
N THR B 215 6.65 -17.66 -22.20
CA THR B 215 7.28 -17.80 -23.52
C THR B 215 8.46 -18.72 -23.67
N ILE B 216 8.99 -19.14 -22.54
CA ILE B 216 9.79 -20.36 -22.64
C ILE B 216 8.94 -21.58 -22.99
N SER B 217 7.89 -21.74 -22.18
CA SER B 217 7.11 -22.99 -22.20
C SER B 217 5.98 -23.11 -23.18
N GLY B 218 5.70 -22.02 -23.87
CA GLY B 218 4.38 -21.96 -24.53
C GLY B 218 3.27 -21.31 -23.70
N PHE B 219 3.05 -21.90 -22.49
CA PHE B 219 1.95 -21.64 -21.52
C PHE B 219 2.22 -21.15 -20.03
N GLN B 220 1.17 -20.55 -19.40
CA GLN B 220 1.32 -20.03 -18.01
C GLN B 220 1.77 -21.11 -16.98
N ILE B 221 2.56 -20.74 -15.96
CA ILE B 221 2.96 -21.72 -14.93
C ILE B 221 1.81 -22.58 -14.33
N GLU B 222 0.71 -21.87 -14.18
CA GLU B 222 -0.58 -22.41 -13.74
C GLU B 222 -1.13 -23.65 -14.44
N GLU B 223 -0.89 -23.63 -15.77
CA GLU B 223 -1.28 -24.80 -16.56
C GLU B 223 -0.49 -26.07 -16.31
N THR B 224 0.76 -25.91 -15.80
CA THR B 224 1.45 -27.14 -15.36
C THR B 224 0.82 -27.91 -14.23
N ILE B 225 0.04 -27.15 -13.46
CA ILE B 225 -0.65 -27.84 -12.40
C ILE B 225 -2.18 -27.98 -12.57
N ASP B 226 -2.55 -29.27 -12.53
CA ASP B 226 -3.93 -29.81 -12.52
C ASP B 226 -4.84 -29.54 -11.29
N ARG B 227 -5.45 -28.33 -11.26
CA ARG B 227 -6.20 -27.80 -10.09
C ARG B 227 -6.91 -28.72 -9.07
N GLU B 228 -7.61 -29.72 -9.61
CA GLU B 228 -8.37 -30.59 -8.66
C GLU B 228 -7.73 -31.95 -8.25
N THR B 229 -6.97 -32.55 -9.23
CA THR B 229 -6.20 -33.84 -9.12
C THR B 229 -4.72 -33.76 -8.59
N SER B 230 -4.63 -33.13 -7.41
CA SER B 230 -3.34 -32.56 -7.02
C SER B 230 -3.20 -32.44 -5.50
N GLY B 231 -2.21 -33.15 -4.95
CA GLY B 231 -2.16 -33.17 -3.48
C GLY B 231 -1.41 -31.99 -2.83
N ASN B 232 -1.83 -31.63 -1.61
CA ASN B 232 -1.26 -30.50 -0.82
C ASN B 232 -0.20 -29.52 -1.39
N LEU B 233 1.05 -30.01 -1.56
CA LEU B 233 2.06 -29.14 -2.18
C LEU B 233 1.64 -28.41 -3.46
N GLU B 234 1.11 -29.20 -4.37
CA GLU B 234 0.77 -28.50 -5.60
C GLU B 234 -0.35 -27.45 -5.47
N GLN B 235 -1.29 -27.75 -4.56
CA GLN B 235 -2.27 -26.70 -4.18
C GLN B 235 -1.71 -25.43 -3.51
N LEU B 236 -0.76 -25.67 -2.61
CA LEU B 236 -0.01 -24.55 -2.04
C LEU B 236 0.76 -23.75 -3.09
N LEU B 237 1.71 -24.42 -3.73
CA LEU B 237 2.36 -23.75 -4.86
C LEU B 237 1.48 -22.88 -5.78
N LEU B 238 0.41 -23.53 -6.26
CA LEU B 238 -0.65 -22.88 -7.03
C LEU B 238 -1.21 -21.59 -6.45
N ALA B 239 -1.67 -21.78 -5.20
CA ALA B 239 -2.09 -20.65 -4.36
C ALA B 239 -1.09 -19.53 -4.15
N VAL B 240 0.18 -19.88 -4.00
CA VAL B 240 1.21 -18.83 -3.99
C VAL B 240 1.36 -18.09 -5.30
N VAL B 241 1.53 -18.82 -6.39
CA VAL B 241 1.47 -18.14 -7.71
C VAL B 241 0.31 -17.14 -7.90
N LYS B 242 -0.87 -17.66 -7.62
CA LYS B 242 -2.06 -16.80 -7.65
C LYS B 242 -2.06 -15.54 -6.79
N SER B 243 -1.70 -15.77 -5.54
CA SER B 243 -1.54 -14.62 -4.65
C SER B 243 -0.42 -13.65 -4.93
N ILE B 244 0.62 -14.15 -5.62
CA ILE B 244 1.59 -13.20 -6.15
C ILE B 244 1.03 -12.25 -7.24
N ARG B 245 0.15 -12.77 -8.10
CA ARG B 245 -0.37 -11.81 -9.11
C ARG B 245 -1.31 -10.71 -8.63
N SER B 246 -2.14 -11.15 -7.65
CA SER B 246 -3.15 -10.32 -6.98
C SER B 246 -3.89 -11.01 -5.87
N ILE B 247 -3.73 -10.51 -4.63
CA ILE B 247 -4.55 -11.10 -3.56
C ILE B 247 -6.08 -11.12 -3.67
N PRO B 248 -6.74 -9.96 -3.96
CA PRO B 248 -8.18 -10.03 -4.17
C PRO B 248 -8.66 -11.07 -5.18
N ALA B 249 -7.79 -11.35 -6.18
CA ALA B 249 -8.06 -12.44 -7.11
C ALA B 249 -7.84 -13.89 -6.67
N TYR B 250 -6.80 -14.17 -5.90
CA TYR B 250 -6.88 -15.47 -5.21
C TYR B 250 -8.20 -15.72 -4.46
N LEU B 251 -8.48 -14.72 -3.62
CA LEU B 251 -9.66 -14.87 -2.77
C LEU B 251 -10.98 -14.95 -3.48
N ALA B 252 -11.10 -14.14 -4.52
CA ALA B 252 -12.22 -14.33 -5.46
C ALA B 252 -12.36 -15.72 -6.11
N GLU B 253 -11.23 -16.27 -6.55
CA GLU B 253 -11.30 -17.67 -6.93
C GLU B 253 -11.72 -18.63 -5.82
N THR B 254 -11.16 -18.41 -4.62
CA THR B 254 -11.65 -19.32 -3.56
C THR B 254 -13.09 -19.20 -3.15
N LEU B 255 -13.61 -17.98 -3.16
CA LEU B 255 -15.06 -17.84 -3.06
C LEU B 255 -15.90 -18.55 -4.13
N TYR B 256 -15.62 -18.23 -5.40
CA TYR B 256 -16.31 -18.96 -6.50
C TYR B 256 -16.36 -20.47 -6.32
N TYR B 257 -15.19 -21.10 -6.08
CA TYR B 257 -15.13 -22.58 -5.84
C TYR B 257 -15.79 -23.12 -4.59
N ALA B 258 -16.11 -22.19 -3.72
CA ALA B 258 -16.94 -22.55 -2.57
C ALA B 258 -18.43 -22.58 -2.82
N MET B 259 -18.83 -21.77 -3.79
CA MET B 259 -20.24 -21.77 -4.18
C MET B 259 -20.62 -22.48 -5.49
N LYS B 260 -19.65 -22.57 -6.39
CA LYS B 260 -19.95 -23.27 -7.64
C LYS B 260 -20.10 -24.78 -7.53
N GLY B 261 -21.14 -25.27 -8.21
CA GLY B 261 -21.41 -26.71 -8.23
C GLY B 261 -22.46 -27.26 -7.24
N ALA B 262 -22.04 -28.41 -6.68
CA ALA B 262 -22.94 -29.19 -5.81
C ALA B 262 -22.76 -29.04 -4.30
N GLY B 263 -23.69 -28.27 -3.72
CA GLY B 263 -23.43 -27.94 -2.32
C GLY B 263 -22.82 -26.56 -2.16
N THR B 264 -22.39 -26.34 -0.90
CA THR B 264 -21.77 -25.09 -0.46
C THR B 264 -20.67 -25.34 0.56
N ASP B 265 -19.48 -24.85 0.23
CA ASP B 265 -18.49 -24.83 1.31
C ASP B 265 -18.69 -23.73 2.34
N ASP B 266 -19.77 -23.87 3.11
CA ASP B 266 -20.10 -22.73 3.98
C ASP B 266 -19.00 -22.19 4.91
N HIS B 267 -18.21 -23.12 5.47
CA HIS B 267 -17.11 -22.70 6.35
C HIS B 267 -16.11 -21.71 5.75
N THR B 268 -15.65 -22.09 4.56
CA THR B 268 -14.82 -21.21 3.68
C THR B 268 -15.39 -19.85 3.28
N LEU B 269 -16.67 -19.90 2.85
CA LEU B 269 -17.43 -18.68 2.63
C LEU B 269 -17.50 -17.72 3.82
N ILE B 270 -17.67 -18.31 5.00
CA ILE B 270 -17.57 -17.49 6.22
C ILE B 270 -16.21 -16.92 6.50
N ARG B 271 -15.22 -17.77 6.43
CA ARG B 271 -13.86 -17.23 6.61
C ARG B 271 -13.42 -16.03 5.72
N VAL B 272 -13.62 -16.18 4.41
CA VAL B 272 -13.28 -15.06 3.52
C VAL B 272 -14.17 -13.83 3.64
N MET B 273 -15.48 -14.06 3.65
CA MET B 273 -16.35 -12.88 3.74
C MET B 273 -16.05 -12.02 4.96
N VAL B 274 -16.02 -12.72 6.09
CA VAL B 274 -15.75 -11.98 7.31
C VAL B 274 -14.35 -11.33 7.44
N SER B 275 -13.33 -12.19 7.43
CA SER B 275 -11.97 -11.62 7.60
C SER B 275 -11.55 -10.46 6.71
N ARG B 276 -11.77 -10.66 5.42
CA ARG B 276 -11.48 -9.55 4.51
C ARG B 276 -12.51 -8.47 4.38
N SER B 277 -13.60 -8.56 5.15
CA SER B 277 -14.58 -7.45 5.07
C SER B 277 -14.17 -6.03 5.41
N GLU B 278 -13.13 -5.91 6.22
CA GLU B 278 -12.54 -4.60 6.54
C GLU B 278 -11.19 -4.25 5.90
N ILE B 279 -10.79 -5.12 4.95
CA ILE B 279 -9.51 -4.90 4.23
C ILE B 279 -9.67 -4.83 2.71
N ASP B 280 -9.92 -5.98 2.10
CA ASP B 280 -10.13 -5.89 0.66
C ASP B 280 -11.43 -6.40 0.08
N LEU B 281 -12.46 -6.58 0.90
CA LEU B 281 -13.68 -7.17 0.31
C LEU B 281 -14.30 -6.48 -0.90
N PHE B 282 -14.27 -5.14 -0.91
CA PHE B 282 -14.72 -4.52 -2.15
C PHE B 282 -13.92 -4.92 -3.39
N ASN B 283 -12.64 -5.06 -3.10
CA ASN B 283 -11.64 -5.46 -4.08
C ASN B 283 -11.74 -6.91 -4.59
N ILE B 284 -12.13 -7.80 -3.67
CA ILE B 284 -12.52 -9.18 -4.03
C ILE B 284 -13.81 -9.27 -4.84
N ARG B 285 -14.73 -8.39 -4.46
CA ARG B 285 -15.96 -8.24 -5.26
C ARG B 285 -15.77 -7.73 -6.70
N LYS B 286 -14.83 -6.80 -6.82
CA LYS B 286 -14.51 -6.29 -8.15
C LYS B 286 -13.68 -7.23 -9.05
N GLU B 287 -12.76 -7.91 -8.41
CA GLU B 287 -12.08 -8.93 -9.21
C GLU B 287 -12.88 -10.22 -9.50
N PHE B 288 -13.82 -10.43 -8.60
CA PHE B 288 -14.81 -11.48 -8.84
C PHE B 288 -15.65 -11.31 -10.09
N ARG B 289 -16.34 -10.16 -10.13
CA ARG B 289 -17.03 -9.91 -11.40
C ARG B 289 -16.15 -9.84 -12.67
N LYS B 290 -14.94 -9.25 -12.55
CA LYS B 290 -14.14 -9.33 -13.79
C LYS B 290 -13.48 -10.65 -14.18
N ASN B 291 -13.34 -11.55 -13.23
CA ASN B 291 -12.83 -12.83 -13.70
C ASN B 291 -13.84 -13.97 -13.80
N PHE B 292 -15.06 -13.67 -13.35
CA PHE B 292 -16.08 -14.72 -13.44
C PHE B 292 -17.42 -14.34 -14.09
N ALA B 293 -17.52 -13.05 -14.43
CA ALA B 293 -18.69 -12.57 -15.20
C ALA B 293 -20.09 -12.68 -14.58
N THR B 294 -20.09 -13.17 -13.34
CA THR B 294 -21.25 -12.89 -12.49
C THR B 294 -20.91 -12.03 -11.27
N SER B 295 -21.93 -11.63 -10.50
CA SER B 295 -21.70 -10.86 -9.26
C SER B 295 -21.72 -11.64 -7.94
N LEU B 296 -20.62 -11.51 -7.17
CA LEU B 296 -20.52 -12.28 -5.92
C LEU B 296 -21.83 -12.32 -5.13
N TYR B 297 -22.30 -11.09 -4.91
CA TYR B 297 -23.63 -10.85 -4.35
C TYR B 297 -24.72 -11.81 -4.86
N SER B 298 -24.90 -11.79 -6.18
CA SER B 298 -25.85 -12.73 -6.82
C SER B 298 -25.52 -14.21 -6.97
N MET B 299 -24.35 -14.57 -6.46
CA MET B 299 -24.10 -15.99 -6.28
C MET B 299 -24.29 -16.50 -4.87
N ILE B 300 -23.75 -15.71 -3.96
CA ILE B 300 -24.16 -15.92 -2.55
C ILE B 300 -25.69 -16.04 -2.33
N LYS B 301 -26.38 -15.21 -3.13
CA LYS B 301 -27.83 -15.42 -3.32
C LYS B 301 -28.23 -16.76 -3.95
N GLY B 302 -27.72 -16.98 -5.17
CA GLY B 302 -28.03 -18.28 -5.80
C GLY B 302 -27.83 -19.56 -4.98
N ASP B 303 -26.89 -19.47 -4.04
CA ASP B 303 -26.47 -20.70 -3.38
C ASP B 303 -26.63 -20.77 -1.84
N THR B 304 -26.69 -19.60 -1.22
CA THR B 304 -26.97 -19.71 0.22
C THR B 304 -28.42 -19.50 0.59
N SER B 305 -28.76 -19.95 1.81
CA SER B 305 -30.17 -19.71 2.16
C SER B 305 -30.49 -18.92 3.44
N GLY B 306 -31.79 -18.66 3.62
CA GLY B 306 -32.27 -18.13 4.91
C GLY B 306 -31.72 -16.80 5.43
N ASP B 307 -31.31 -16.81 6.72
CA ASP B 307 -30.76 -15.58 7.38
C ASP B 307 -29.25 -15.34 7.25
N TYR B 308 -28.53 -16.47 7.32
CA TYR B 308 -27.19 -16.55 6.73
C TYR B 308 -26.97 -15.71 5.46
N LYS B 309 -27.89 -15.97 4.54
CA LYS B 309 -27.91 -15.09 3.36
C LYS B 309 -28.10 -13.63 3.58
N LYS B 310 -29.12 -13.23 4.34
CA LYS B 310 -29.21 -11.76 4.41
C LYS B 310 -28.05 -11.10 5.06
N ALA B 311 -27.45 -11.85 5.99
CA ALA B 311 -26.27 -11.30 6.62
C ALA B 311 -25.06 -11.23 5.70
N LEU B 312 -24.82 -12.35 5.03
CA LEU B 312 -23.82 -12.32 3.96
C LEU B 312 -23.98 -11.20 2.95
N LEU B 313 -25.14 -11.14 2.31
CA LEU B 313 -25.42 -9.98 1.45
C LEU B 313 -25.34 -8.59 2.09
N LEU B 314 -25.59 -8.55 3.38
CA LEU B 314 -25.23 -7.26 3.93
C LEU B 314 -23.74 -6.97 4.00
N LEU B 315 -22.99 -8.00 4.45
CA LEU B 315 -21.51 -7.97 4.46
C LEU B 315 -20.85 -7.67 3.14
N CYS B 316 -21.43 -8.33 2.14
CA CYS B 316 -21.01 -8.20 0.74
C CYS B 316 -21.08 -6.79 0.19
N GLY B 317 -22.12 -6.12 0.71
CA GLY B 317 -22.25 -4.70 0.43
C GLY B 317 -23.08 -4.35 -0.79
N GLU B 318 -23.45 -3.07 -0.80
CA GLU B 318 -24.54 -2.73 -1.73
C GLU B 318 -24.45 -2.81 -3.29
N ASP B 319 -23.36 -3.34 -3.92
CA ASP B 319 -23.28 -2.89 -5.37
C ASP B 319 -22.85 -3.87 -6.51
N ASP B 320 -22.33 -3.24 -7.60
CA ASP B 320 -21.18 -3.67 -8.47
C ASP B 320 -20.33 -4.99 -8.36
#